data_4P8Z
#
_entry.id   4P8Z
#
_cell.length_a   52.560
_cell.length_b   88.860
_cell.length_c   105.700
_cell.angle_alpha   90.00
_cell.angle_beta   90.00
_cell.angle_gamma   90.00
#
_symmetry.space_group_name_H-M   'P 21 21 21'
#
_entity_poly.entity_id   1
_entity_poly.type   'polyribonucleotide'
_entity_poly.pdbx_seq_one_letter_code
;GGUUGGGUUGGGAAGUAUCAUGGCUAAUCACCAUGAUGCAAUCGGGUUGAACACUUAAUUGGGUUAAAACGGUGGGGGAC
GAUCCCGUAACAUCCGUCCUAACGGCGACAGACUGCACGGCCCUGCCUCUUAGGUGUGUCCAAUGAACAGUCGUUCCGAA
AGGAAGCAUCCGGUAUCCCAAGACAAUC
;
_entity_poly.pdbx_strand_id   A
#
loop_
_chem_comp.id
_chem_comp.type
_chem_comp.name
_chem_comp.formula
A RNA linking ADENOSINE-5'-MONOPHOSPHATE 'C10 H14 N5 O7 P'
C RNA linking CYTIDINE-5'-MONOPHOSPHATE 'C9 H14 N3 O8 P'
G RNA linking GUANOSINE-5'-MONOPHOSPHATE 'C10 H14 N5 O8 P'
U RNA linking URIDINE-5'-MONOPHOSPHATE 'C9 H13 N2 O9 P'
#